data_4L5S
#
_entry.id   4L5S
#
_cell.length_a   111.309
_cell.length_b   156.118
_cell.length_c   117.614
_cell.angle_alpha   90.00
_cell.angle_beta   90.00
_cell.angle_gamma   90.00
#
_symmetry.space_group_name_H-M   'C 2 2 21'
#
loop_
_entity.id
_entity.type
_entity.pdbx_description
1 polymer 'Interferon-activable protein 202'
2 polymer '12-mer DNA'
3 non-polymer 'SULFATE ION'
4 water water
#
loop_
_entity_poly.entity_id
_entity_poly.type
_entity_poly.pdbx_seq_one_letter_code
_entity_poly.pdbx_strand_id
1 'polypeptide(L)'
;STPKKNISKGAVLHEKPMTVMVLTATEPFNYKEGKENMFHATVATESKYYRVKVFNMDLKEKFTENQFITISKYFNSSGI
LEINETATVSEAAPNQMFEVPKNIIRSAKETLKISKIKELDSGTLIYGVFAVEKKKVNDKSITFKIKDNEDNIKVVWDKE
QHNINYEKGDKLQLFSFHLRKGNGKPILHSGNHSFIKGE
;
A,B
2 'polydeoxyribonucleotide' (DG)(DC)(DG)(DA)(DT)(DA)(DT)(DC)(DG)(DC)(DT)(DG) C,D,E,F,G,H,I
#
loop_
_chem_comp.id
_chem_comp.type
_chem_comp.name
_chem_comp.formula
DA DNA linking 2'-DEOXYADENOSINE-5'-MONOPHOSPHATE 'C10 H14 N5 O6 P'
DC DNA linking 2'-DEOXYCYTIDINE-5'-MONOPHOSPHATE 'C9 H14 N3 O7 P'
DG DNA linking 2'-DEOXYGUANOSINE-5'-MONOPHOSPHATE 'C10 H14 N5 O7 P'
DT DNA linking THYMIDINE-5'-MONOPHOSPHATE 'C10 H15 N2 O8 P'
SO4 non-polymer 'SULFATE ION' 'O4 S -2'
#
# COMPACT_ATOMS: atom_id res chain seq x y z
N SER A 1 23.91 -12.58 8.59
CA SER A 1 23.88 -12.07 9.95
C SER A 1 22.50 -12.30 10.54
N THR A 2 21.48 -12.21 9.70
CA THR A 2 20.10 -12.52 10.10
C THR A 2 19.19 -12.44 8.87
N PRO A 3 18.29 -13.42 8.73
CA PRO A 3 17.63 -13.70 7.46
C PRO A 3 16.98 -12.47 6.83
N LYS A 4 16.23 -11.73 7.62
CA LYS A 4 15.53 -10.55 7.13
C LYS A 4 16.35 -9.28 7.38
N LYS A 5 17.58 -9.47 7.84
CA LYS A 5 18.39 -8.34 8.26
C LYS A 5 18.45 -7.26 7.20
N ASN A 6 18.13 -6.05 7.64
CA ASN A 6 18.15 -4.87 6.80
C ASN A 6 17.01 -4.83 5.77
N ILE A 7 16.22 -5.90 5.73
CA ILE A 7 15.05 -5.90 4.85
C ILE A 7 13.82 -5.09 5.34
N SER A 8 13.16 -4.41 4.41
CA SER A 8 11.96 -3.63 4.70
C SER A 8 10.79 -4.45 5.23
N LYS A 9 9.96 -3.81 6.04
CA LYS A 9 8.78 -4.45 6.61
C LYS A 9 7.85 -4.98 5.53
N GLY A 10 7.50 -6.27 5.63
CA GLY A 10 6.52 -6.87 4.74
C GLY A 10 7.01 -7.22 3.35
N ALA A 11 8.31 -7.03 3.11
CA ALA A 11 8.92 -7.48 1.87
C ALA A 11 8.65 -8.97 1.66
N VAL A 12 8.27 -9.38 0.46
CA VAL A 12 8.10 -10.82 0.21
C VAL A 12 9.34 -11.52 -0.41
N LEU A 13 9.71 -12.67 0.16
CA LEU A 13 10.89 -13.38 -0.30
C LEU A 13 10.65 -14.02 -1.66
N HIS A 14 11.63 -13.91 -2.53
CA HIS A 14 11.47 -14.57 -3.80
C HIS A 14 12.43 -15.72 -3.98
N GLU A 15 11.81 -16.84 -4.31
CA GLU A 15 12.40 -18.15 -4.24
C GLU A 15 13.28 -18.42 -5.45
N LYS A 16 12.63 -18.44 -6.61
CA LYS A 16 13.25 -18.83 -7.86
C LYS A 16 14.25 -17.81 -8.38
N PRO A 17 15.38 -18.30 -8.91
CA PRO A 17 16.41 -17.43 -9.48
C PRO A 17 15.81 -16.60 -10.58
N MET A 18 16.25 -15.34 -10.67
CA MET A 18 15.87 -14.47 -11.76
C MET A 18 17.14 -13.84 -12.29
N THR A 19 17.20 -13.67 -13.60
CA THR A 19 18.41 -13.18 -14.22
C THR A 19 18.17 -11.80 -14.81
N VAL A 20 19.10 -10.90 -14.53
CA VAL A 20 18.92 -9.48 -14.82
C VAL A 20 20.22 -8.90 -15.32
N MET A 21 20.14 -7.80 -16.04
CA MET A 21 21.34 -7.05 -16.37
C MET A 21 21.46 -5.78 -15.52
N VAL A 22 22.65 -5.57 -14.95
CA VAL A 22 22.87 -4.33 -14.21
C VAL A 22 23.00 -3.13 -15.17
N LEU A 23 22.13 -2.14 -14.98
CA LEU A 23 22.32 -0.82 -15.58
C LEU A 23 23.21 0.08 -14.73
N THR A 24 22.98 0.07 -13.43
CA THR A 24 23.43 1.19 -12.60
C THR A 24 23.75 0.79 -11.16
N ALA A 25 24.78 1.39 -10.59
CA ALA A 25 25.04 1.20 -9.16
C ALA A 25 25.83 2.34 -8.54
N THR A 26 25.64 2.55 -7.24
CA THR A 26 26.22 3.69 -6.56
C THR A 26 27.28 3.21 -5.60
N GLU A 27 28.00 4.13 -4.98
CA GLU A 27 28.92 3.74 -3.95
C GLU A 27 28.11 3.35 -2.74
N PRO A 28 28.70 2.52 -1.87
CA PRO A 28 28.00 1.93 -0.71
C PRO A 28 27.38 2.91 0.30
N PHE A 29 28.13 3.89 0.73
CA PHE A 29 27.71 4.75 1.86
C PHE A 29 27.09 4.11 3.12
N ASN A 30 26.41 4.94 3.90
CA ASN A 30 26.18 4.63 5.32
C ASN A 30 24.88 5.17 5.88
N TYR A 31 24.24 4.38 6.75
CA TYR A 31 22.97 4.82 7.31
C TYR A 31 22.69 4.19 8.68
N LYS A 32 21.46 4.33 9.18
CA LYS A 32 21.13 3.79 10.50
C LYS A 32 22.32 4.26 11.31
N GLU A 33 22.37 5.56 11.54
CA GLU A 33 23.60 6.30 11.29
C GLU A 33 24.87 5.64 11.85
N GLY A 34 25.84 5.47 10.96
CA GLY A 34 27.17 4.99 11.32
C GLY A 34 27.36 3.47 11.17
N LYS A 35 26.27 2.74 11.26
CA LYS A 35 26.29 1.31 11.01
C LYS A 35 25.79 1.11 9.59
N GLU A 36 25.61 -0.15 9.20
CA GLU A 36 24.71 -0.45 8.09
C GLU A 36 25.04 0.28 6.78
N ASN A 37 26.07 -0.16 6.07
CA ASN A 37 26.24 0.24 4.68
C ASN A 37 25.24 -0.46 3.77
N MET A 38 25.00 0.10 2.59
CA MET A 38 24.08 -0.47 1.62
C MET A 38 24.48 0.20 0.34
N PHE A 39 23.87 -0.13 -0.79
CA PHE A 39 24.04 0.72 -1.95
C PHE A 39 22.87 0.57 -2.90
N HIS A 40 22.77 1.52 -3.83
CA HIS A 40 21.66 1.54 -4.77
C HIS A 40 22.02 0.99 -6.15
N ALA A 41 21.08 0.33 -6.80
CA ALA A 41 21.32 -0.21 -8.13
C ALA A 41 20.05 -0.25 -8.94
N THR A 42 20.21 -0.10 -10.24
CA THR A 42 19.12 -0.31 -11.18
C THR A 42 19.45 -1.52 -12.03
N VAL A 43 18.52 -2.45 -12.15
CA VAL A 43 18.72 -3.59 -13.05
C VAL A 43 17.53 -3.82 -13.96
N ALA A 44 17.75 -4.53 -15.07
CA ALA A 44 16.64 -4.81 -15.98
C ALA A 44 16.55 -6.27 -16.44
N THR A 45 15.34 -6.64 -16.87
CA THR A 45 15.09 -7.87 -17.63
C THR A 45 14.58 -7.47 -19.01
N GLU A 46 14.22 -8.45 -19.83
CA GLU A 46 13.64 -8.12 -21.13
C GLU A 46 12.31 -7.37 -20.96
N SER A 47 11.54 -7.82 -19.97
CA SER A 47 10.19 -7.37 -19.72
C SER A 47 10.10 -6.05 -18.93
N LYS A 48 10.94 -5.90 -17.90
CA LYS A 48 10.83 -4.72 -17.04
C LYS A 48 12.14 -4.35 -16.33
N TYR A 49 12.11 -3.24 -15.59
CA TYR A 49 13.27 -2.79 -14.82
C TYR A 49 12.92 -2.61 -13.33
N TYR A 50 13.90 -2.83 -12.48
CA TYR A 50 13.71 -2.80 -11.04
C TYR A 50 14.71 -1.84 -10.40
N ARG A 51 14.31 -1.18 -9.32
CA ARG A 51 15.29 -0.51 -8.48
C ARG A 51 15.69 -1.45 -7.37
N VAL A 52 16.97 -1.41 -7.00
CA VAL A 52 17.50 -2.38 -6.06
C VAL A 52 18.19 -1.72 -4.88
N LYS A 53 18.09 -2.36 -3.73
CA LYS A 53 18.83 -1.91 -2.57
C LYS A 53 19.67 -3.09 -2.10
N VAL A 54 20.98 -2.85 -2.00
CA VAL A 54 21.94 -3.93 -1.73
C VAL A 54 22.64 -3.77 -0.39
N PHE A 55 22.35 -4.68 0.53
CA PHE A 55 22.87 -4.58 1.89
C PHE A 55 24.11 -5.42 2.17
N ASN A 56 24.48 -6.26 1.21
CA ASN A 56 25.67 -7.08 1.34
C ASN A 56 26.76 -6.53 0.46
N MET A 57 27.84 -6.05 1.08
CA MET A 57 28.85 -5.29 0.37
C MET A 57 29.65 -6.16 -0.58
N ASP A 58 29.71 -7.45 -0.31
CA ASP A 58 30.42 -8.40 -1.18
C ASP A 58 29.87 -8.39 -2.62
N LEU A 59 28.67 -7.85 -2.79
CA LEU A 59 27.98 -7.86 -4.07
C LEU A 59 28.38 -6.72 -4.98
N LYS A 60 29.16 -5.80 -4.43
CA LYS A 60 29.44 -4.54 -5.09
C LYS A 60 30.12 -4.83 -6.42
N GLU A 61 31.04 -5.82 -6.44
CA GLU A 61 31.79 -6.14 -7.66
C GLU A 61 30.90 -6.75 -8.75
N LYS A 62 29.95 -7.60 -8.34
CA LYS A 62 28.97 -8.12 -9.29
C LYS A 62 28.14 -7.04 -9.94
N PHE A 63 28.05 -5.85 -9.33
CA PHE A 63 27.16 -4.86 -9.88
C PHE A 63 27.90 -3.82 -10.68
N THR A 64 27.87 -4.02 -11.99
CA THR A 64 28.62 -3.14 -12.89
C THR A 64 27.85 -3.06 -14.19
N GLU A 65 27.92 -1.90 -14.81
CA GLU A 65 27.05 -1.63 -15.92
C GLU A 65 27.14 -2.80 -16.88
N ASN A 66 25.98 -3.29 -17.33
CA ASN A 66 25.94 -4.24 -18.44
C ASN A 66 26.27 -5.68 -18.09
N GLN A 67 26.59 -5.90 -16.83
CA GLN A 67 26.86 -7.25 -16.37
C GLN A 67 25.57 -7.98 -16.00
N PHE A 68 25.47 -9.22 -16.46
CA PHE A 68 24.31 -10.08 -16.21
C PHE A 68 24.51 -10.91 -14.94
N ILE A 69 23.48 -10.96 -14.10
CA ILE A 69 23.59 -11.71 -12.86
C ILE A 69 22.32 -12.47 -12.59
N THR A 70 22.45 -13.54 -11.81
CA THR A 70 21.31 -14.33 -11.39
C THR A 70 21.06 -14.17 -9.89
N ILE A 71 19.84 -13.80 -9.54
CA ILE A 71 19.50 -13.59 -8.13
C ILE A 71 18.42 -14.56 -7.62
N SER A 72 18.60 -15.01 -6.39
CA SER A 72 17.66 -15.92 -5.73
C SER A 72 17.60 -15.64 -4.22
N LYS A 73 16.45 -15.89 -3.60
CA LYS A 73 16.27 -15.53 -2.20
C LYS A 73 16.57 -14.04 -2.02
N TYR A 74 15.94 -13.25 -2.86
CA TYR A 74 15.95 -11.82 -2.71
C TYR A 74 14.56 -11.44 -2.23
N PHE A 75 14.34 -10.15 -1.97
CA PHE A 75 13.08 -9.69 -1.43
C PHE A 75 12.49 -8.60 -2.32
N ASN A 76 11.19 -8.65 -2.51
CA ASN A 76 10.50 -7.56 -3.20
C ASN A 76 9.60 -6.79 -2.25
N SER A 77 9.95 -5.53 -1.95
CA SER A 77 9.00 -4.67 -1.25
C SER A 77 8.39 -3.65 -2.20
N SER A 78 7.10 -3.83 -2.48
CA SER A 78 6.37 -2.89 -3.31
C SER A 78 7.18 -2.55 -4.53
N GLY A 79 7.69 -3.59 -5.18
CA GLY A 79 8.32 -3.47 -6.47
C GLY A 79 9.79 -3.09 -6.45
N ILE A 80 10.33 -2.88 -5.27
CA ILE A 80 11.75 -2.61 -5.13
C ILE A 80 12.51 -3.80 -4.56
N LEU A 81 13.32 -4.43 -5.41
CA LEU A 81 14.16 -5.55 -4.97
C LEU A 81 15.07 -5.14 -3.83
N GLU A 82 15.12 -5.98 -2.80
CA GLU A 82 16.03 -5.80 -1.68
C GLU A 82 16.89 -7.06 -1.56
N ILE A 83 18.16 -6.89 -1.24
CA ILE A 83 19.10 -8.00 -1.31
C ILE A 83 20.09 -7.97 -0.17
N ASN A 84 20.24 -9.11 0.48
CA ASN A 84 21.12 -9.18 1.64
C ASN A 84 21.87 -10.50 1.65
N GLU A 85 22.58 -10.79 2.73
CA GLU A 85 23.45 -11.99 2.74
C GLU A 85 22.67 -13.28 2.56
N THR A 86 21.35 -13.21 2.74
CA THR A 86 20.45 -14.34 2.58
C THR A 86 20.28 -14.73 1.11
N ALA A 87 20.40 -13.77 0.21
CA ALA A 87 20.29 -14.05 -1.22
C ALA A 87 21.55 -14.73 -1.76
N THR A 88 21.39 -15.40 -2.88
CA THR A 88 22.51 -15.91 -3.65
C THR A 88 22.61 -15.05 -4.91
N VAL A 89 23.81 -14.61 -5.25
CA VAL A 89 23.98 -13.81 -6.46
C VAL A 89 25.12 -14.33 -7.33
N SER A 90 24.80 -14.85 -8.51
CA SER A 90 25.83 -15.43 -9.36
C SER A 90 26.03 -14.60 -10.61
N GLU A 91 27.25 -14.62 -11.17
CA GLU A 91 27.45 -14.15 -12.54
C GLU A 91 26.66 -15.10 -13.45
N ALA A 92 25.76 -14.51 -14.24
CA ALA A 92 24.83 -15.27 -15.06
C ALA A 92 25.54 -16.11 -16.10
N ALA A 93 24.96 -17.26 -16.41
CA ALA A 93 25.40 -18.06 -17.55
C ALA A 93 24.86 -17.47 -18.87
N PRO A 94 25.72 -17.46 -19.91
CA PRO A 94 25.38 -16.91 -21.22
C PRO A 94 24.02 -17.39 -21.72
N ASN A 95 23.69 -18.66 -21.53
CA ASN A 95 22.39 -19.18 -21.93
C ASN A 95 21.27 -18.43 -21.23
N GLN A 96 21.56 -17.89 -20.06
CA GLN A 96 20.58 -17.10 -19.32
C GLN A 96 20.53 -15.62 -19.74
N MET A 97 21.56 -15.16 -20.43
CA MET A 97 21.58 -13.77 -20.92
C MET A 97 20.50 -13.50 -21.97
N PHE A 98 20.25 -12.23 -22.24
CA PHE A 98 19.22 -11.86 -23.19
C PHE A 98 19.41 -10.42 -23.69
N GLU A 99 18.58 -10.02 -24.65
CA GLU A 99 18.57 -8.65 -25.13
C GLU A 99 17.72 -7.77 -24.20
N VAL A 100 18.15 -6.51 -24.02
CA VAL A 100 17.35 -5.54 -23.28
C VAL A 100 16.93 -4.34 -24.12
N PRO A 101 15.61 -4.17 -24.30
CA PRO A 101 15.04 -3.14 -25.18
C PRO A 101 15.47 -1.71 -24.83
N LYS A 102 15.65 -0.87 -25.84
CA LYS A 102 15.94 0.54 -25.61
C LYS A 102 14.88 1.18 -24.71
N ASN A 103 13.61 0.87 -24.99
CA ASN A 103 12.48 1.36 -24.19
C ASN A 103 12.72 1.20 -22.70
N ILE A 104 12.86 -0.06 -22.26
CA ILE A 104 13.13 -0.38 -20.86
C ILE A 104 14.29 0.45 -20.28
N ILE A 105 15.42 0.48 -20.98
CA ILE A 105 16.58 1.24 -20.52
C ILE A 105 16.27 2.75 -20.45
N ARG A 106 15.69 3.30 -21.52
CA ARG A 106 15.22 4.68 -21.51
C ARG A 106 14.33 4.90 -20.30
N SER A 107 13.38 3.98 -20.14
CA SER A 107 12.36 4.07 -19.12
C SER A 107 12.94 4.06 -17.69
N ALA A 108 14.04 3.34 -17.49
CA ALA A 108 14.66 3.24 -16.17
C ALA A 108 15.66 4.35 -15.84
N LYS A 109 16.01 5.17 -16.83
CA LYS A 109 16.85 6.36 -16.59
C LYS A 109 15.96 7.58 -16.43
N GLU A 110 14.68 7.38 -16.66
CA GLU A 110 13.74 8.47 -16.84
C GLU A 110 13.16 9.01 -15.54
N THR A 111 12.98 10.33 -15.50
CA THR A 111 12.58 11.06 -14.31
C THR A 111 11.18 11.63 -14.50
N LEU A 112 10.33 11.51 -13.47
CA LEU A 112 8.96 12.02 -13.52
C LEU A 112 8.88 13.54 -13.49
N LYS A 113 7.73 14.07 -13.93
CA LYS A 113 7.46 15.50 -13.80
C LYS A 113 6.90 15.82 -12.41
N ILE A 114 7.52 16.79 -11.75
CA ILE A 114 7.12 17.19 -10.40
C ILE A 114 5.60 17.36 -10.30
N SER A 115 4.98 17.92 -11.33
CA SER A 115 3.52 17.92 -11.42
C SER A 115 2.97 16.52 -11.21
N LYS A 116 3.42 15.55 -12.01
CA LYS A 116 2.88 14.19 -11.92
C LYS A 116 3.22 13.51 -10.59
N ILE A 117 4.36 13.86 -10.02
CA ILE A 117 4.77 13.27 -8.75
C ILE A 117 3.79 13.62 -7.64
N LYS A 118 3.34 14.87 -7.64
CA LYS A 118 2.50 15.39 -6.57
C LYS A 118 1.12 14.73 -6.48
N GLU A 119 0.69 14.07 -7.55
CA GLU A 119 -0.58 13.35 -7.52
C GLU A 119 -0.42 11.97 -6.87
N LEU A 120 0.78 11.66 -6.39
CA LEU A 120 1.09 10.36 -5.84
C LEU A 120 0.84 10.25 -4.35
N ASP A 121 0.46 9.06 -3.89
CA ASP A 121 0.14 8.85 -2.49
C ASP A 121 1.29 9.17 -1.58
N SER A 122 0.97 9.62 -0.37
CA SER A 122 1.99 9.90 0.63
C SER A 122 2.86 8.66 0.84
N GLY A 123 4.12 8.89 1.19
CA GLY A 123 5.04 7.82 1.54
C GLY A 123 5.59 7.06 0.35
N THR A 124 5.17 7.45 -0.85
CA THR A 124 5.72 6.88 -2.09
C THR A 124 7.23 7.18 -2.19
N LEU A 125 7.98 6.19 -2.67
CA LEU A 125 9.44 6.34 -2.82
C LEU A 125 9.75 6.98 -4.15
N ILE A 126 10.47 8.12 -4.11
CA ILE A 126 10.77 8.88 -5.33
C ILE A 126 12.23 8.80 -5.71
N TYR A 127 12.47 8.59 -7.00
CA TYR A 127 13.79 8.66 -7.58
C TYR A 127 13.73 9.60 -8.76
N GLY A 128 14.81 10.32 -9.02
CA GLY A 128 14.88 11.13 -10.21
C GLY A 128 16.08 12.05 -10.23
N VAL A 129 16.34 12.65 -11.39
CA VAL A 129 17.36 13.69 -11.50
C VAL A 129 16.64 15.02 -11.63
N PHE A 130 17.19 16.06 -11.01
CA PHE A 130 16.50 17.37 -10.97
C PHE A 130 17.45 18.53 -10.97
N ALA A 131 16.99 19.61 -11.59
CA ALA A 131 17.63 20.91 -11.45
C ALA A 131 17.35 21.47 -10.05
N VAL A 132 18.27 22.27 -9.55
CA VAL A 132 18.26 22.63 -8.15
C VAL A 132 18.13 24.10 -7.89
N GLU A 133 17.86 24.46 -6.64
CA GLU A 133 17.71 25.86 -6.26
C GLU A 133 18.55 26.19 -5.03
N LYS A 134 18.25 27.33 -4.41
CA LYS A 134 18.98 27.76 -3.22
C LYS A 134 18.82 26.76 -2.08
N LYS A 135 19.93 26.42 -1.44
CA LYS A 135 19.93 25.47 -0.35
C LYS A 135 19.85 26.18 1.00
N LYS A 136 20.08 25.46 2.08
CA LYS A 136 20.06 26.06 3.40
C LYS A 136 20.82 25.16 4.33
N VAL A 137 21.24 25.70 5.45
CA VAL A 137 21.77 24.86 6.50
C VAL A 137 20.92 25.15 7.70
N ASN A 138 20.42 24.11 8.34
CA ASN A 138 19.60 24.30 9.50
C ASN A 138 20.17 23.43 10.58
N ASP A 139 20.05 23.87 11.80
CA ASP A 139 20.80 23.20 12.84
C ASP A 139 20.91 21.70 12.61
N LYS A 140 19.79 21.08 12.26
CA LYS A 140 19.74 19.64 12.11
C LYS A 140 19.27 19.16 10.76
N SER A 141 19.29 20.01 9.74
CA SER A 141 18.73 19.60 8.48
C SER A 141 19.37 20.37 7.32
N ILE A 142 18.89 20.11 6.11
CA ILE A 142 19.28 20.86 4.93
C ILE A 142 18.05 20.97 4.05
N THR A 143 17.91 22.08 3.35
CA THR A 143 16.72 22.31 2.54
C THR A 143 17.09 22.66 1.10
N PHE A 144 16.31 22.12 0.17
CA PHE A 144 16.50 22.36 -1.26
C PHE A 144 15.23 22.88 -1.86
N LYS A 145 15.31 23.16 -3.13
CA LYS A 145 14.11 23.24 -3.94
C LYS A 145 14.60 22.76 -5.28
N ILE A 146 13.72 22.12 -6.04
CA ILE A 146 14.15 21.56 -7.29
C ILE A 146 13.10 21.86 -8.34
N LYS A 147 13.52 21.94 -9.60
CA LYS A 147 12.64 22.36 -10.69
C LYS A 147 12.51 21.29 -11.76
N ASP A 148 11.26 20.99 -12.10
CA ASP A 148 10.89 20.31 -13.34
C ASP A 148 10.38 21.33 -14.35
N ASN A 149 10.30 22.59 -13.92
CA ASN A 149 9.63 23.63 -14.70
C ASN A 149 8.14 23.45 -15.00
N GLU A 150 7.25 23.84 -14.09
CA GLU A 150 6.02 23.09 -13.80
C GLU A 150 6.25 22.38 -12.48
N ASP A 151 7.40 22.62 -11.88
CA ASP A 151 7.53 22.79 -10.42
C ASP A 151 9.00 22.91 -10.04
N ASN A 152 9.35 23.47 -8.87
CA ASN A 152 8.57 23.57 -7.64
C ASN A 152 8.26 22.30 -6.86
N ILE A 153 9.28 21.77 -6.20
CA ILE A 153 9.05 21.10 -4.90
C ILE A 153 10.22 21.26 -3.94
N LYS A 154 9.89 21.37 -2.67
CA LYS A 154 10.92 21.47 -1.65
C LYS A 154 11.46 20.10 -1.36
N VAL A 155 12.68 20.05 -0.83
CA VAL A 155 13.26 18.79 -0.43
C VAL A 155 13.99 18.92 0.89
N VAL A 156 13.75 17.97 1.78
CA VAL A 156 14.28 18.03 3.13
C VAL A 156 15.24 16.88 3.42
N TRP A 157 16.49 17.22 3.72
CA TRP A 157 17.50 16.24 4.09
C TRP A 157 17.78 16.24 5.60
N ASP A 158 17.38 15.16 6.27
CA ASP A 158 17.49 15.05 7.73
C ASP A 158 18.71 14.33 8.22
N LYS A 159 19.58 13.94 7.31
CA LYS A 159 20.60 12.97 7.68
C LYS A 159 21.90 13.47 8.33
N GLU A 160 22.71 14.16 7.55
CA GLU A 160 24.09 14.36 7.97
C GLU A 160 24.88 15.00 6.82
N GLN A 161 26.01 15.65 7.10
CA GLN A 161 26.69 16.53 6.13
C GLN A 161 28.05 16.03 5.63
N HIS A 162 28.07 15.54 4.39
CA HIS A 162 29.28 15.06 3.75
C HIS A 162 29.40 15.51 2.29
N ASN A 163 28.35 15.16 1.55
CA ASN A 163 28.40 14.89 0.14
C ASN A 163 28.71 16.12 -0.72
N ILE A 164 28.57 15.91 -2.01
CA ILE A 164 29.03 16.87 -2.99
C ILE A 164 27.92 17.61 -3.75
N ASN A 165 27.78 18.90 -3.42
CA ASN A 165 27.34 19.91 -4.37
C ASN A 165 28.56 20.83 -4.29
N TYR A 166 29.34 20.91 -5.36
CA TYR A 166 28.87 20.88 -6.74
C TYR A 166 28.19 22.19 -7.07
N GLU A 167 28.75 23.25 -6.46
CA GLU A 167 29.04 24.43 -7.24
C GLU A 167 27.80 24.63 -8.06
N LYS A 168 26.77 25.22 -7.45
CA LYS A 168 25.39 24.80 -7.66
C LYS A 168 25.05 24.21 -9.03
N GLY A 169 25.28 24.93 -10.11
CA GLY A 169 24.67 24.61 -11.39
C GLY A 169 24.77 23.15 -11.81
N ASP A 170 25.53 22.35 -11.08
CA ASP A 170 25.36 20.90 -11.12
C ASP A 170 23.91 20.45 -10.79
N LYS A 171 23.40 19.49 -11.55
CA LYS A 171 22.05 18.97 -11.33
C LYS A 171 22.01 18.04 -10.11
N LEU A 172 20.82 17.56 -9.77
CA LEU A 172 20.67 16.79 -8.55
C LEU A 172 19.91 15.47 -8.75
N GLN A 173 20.49 14.38 -8.25
CA GLN A 173 19.95 13.03 -8.46
C GLN A 173 19.54 12.33 -7.17
N LEU A 174 18.31 11.82 -7.13
CA LEU A 174 17.71 11.34 -5.89
C LEU A 174 17.34 9.86 -5.87
N PHE A 175 17.82 9.16 -4.85
CA PHE A 175 17.41 7.79 -4.59
C PHE A 175 16.50 7.69 -3.37
N SER A 176 15.41 6.95 -3.52
CA SER A 176 14.55 6.57 -2.39
C SER A 176 14.23 7.72 -1.43
N PHE A 177 13.53 8.72 -1.94
CA PHE A 177 13.07 9.83 -1.12
C PHE A 177 11.61 9.67 -0.86
N HIS A 178 11.16 10.19 0.29
CA HIS A 178 9.77 10.00 0.67
C HIS A 178 8.88 11.19 0.32
N LEU A 179 7.84 10.92 -0.47
CA LEU A 179 6.81 11.92 -0.70
C LEU A 179 5.98 12.15 0.56
N ARG A 180 5.82 13.41 0.94
CA ARG A 180 5.01 13.78 2.09
C ARG A 180 3.98 14.83 1.71
N LYS A 181 2.71 14.58 2.00
CA LYS A 181 1.75 15.60 1.60
C LYS A 181 1.21 16.34 2.82
N GLY A 182 0.24 15.75 3.51
CA GLY A 182 -0.40 16.45 4.61
C GLY A 182 -1.15 17.73 4.23
N ASN A 183 -1.33 18.60 5.21
CA ASN A 183 -2.11 19.81 5.00
C ASN A 183 -1.29 20.86 4.28
N GLY A 184 0.01 20.81 4.50
CA GLY A 184 0.92 21.79 3.94
C GLY A 184 1.09 21.58 2.45
N LYS A 185 1.92 22.43 1.85
CA LYS A 185 2.44 22.15 0.52
C LYS A 185 3.36 20.94 0.66
N PRO A 186 3.24 19.97 -0.27
CA PRO A 186 3.97 18.71 -0.16
C PRO A 186 5.47 18.90 -0.30
N ILE A 187 6.23 17.94 0.23
CA ILE A 187 7.67 17.94 0.09
C ILE A 187 8.19 16.54 -0.11
N LEU A 188 9.49 16.44 -0.38
CA LEU A 188 10.18 15.15 -0.51
C LEU A 188 11.06 15.01 0.70
N HIS A 189 10.95 13.89 1.41
CA HIS A 189 11.71 13.80 2.64
C HIS A 189 12.73 12.66 2.65
N SER A 190 13.85 12.92 3.32
CA SER A 190 14.91 11.94 3.43
C SER A 190 14.34 10.75 4.20
N GLY A 191 14.98 9.61 4.05
CA GLY A 191 14.50 8.40 4.66
C GLY A 191 15.71 7.56 5.00
N ASN A 192 15.44 6.38 5.53
CA ASN A 192 16.49 5.45 5.91
C ASN A 192 17.57 5.38 4.82
N HIS A 193 17.12 4.96 3.64
CA HIS A 193 17.98 4.64 2.52
C HIS A 193 18.20 5.79 1.57
N SER A 194 17.77 6.99 1.95
CA SER A 194 17.88 8.11 1.02
C SER A 194 19.31 8.40 0.61
N PHE A 195 19.48 8.82 -0.64
CA PHE A 195 20.77 9.17 -1.18
C PHE A 195 20.61 10.32 -2.20
N ILE A 196 21.49 11.32 -2.13
CA ILE A 196 21.53 12.39 -3.14
C ILE A 196 22.96 12.54 -3.61
N LYS A 197 23.14 12.98 -4.85
CA LYS A 197 24.48 13.29 -5.33
C LYS A 197 24.32 14.14 -6.59
N GLY A 198 25.44 14.65 -7.10
CA GLY A 198 25.40 15.40 -8.35
C GLY A 198 25.37 14.43 -9.51
N GLU A 199 24.69 14.79 -10.57
CA GLU A 199 24.75 14.03 -11.80
C GLU A 199 25.53 14.85 -12.82
N THR B 2 -28.30 -11.50 26.58
CA THR B 2 -27.89 -11.69 25.18
C THR B 2 -26.90 -10.64 24.67
N PRO B 3 -26.08 -10.07 25.57
CA PRO B 3 -25.26 -8.89 25.24
C PRO B 3 -24.26 -9.16 24.13
N LYS B 4 -23.98 -10.43 23.87
CA LYS B 4 -23.05 -10.81 22.81
C LYS B 4 -23.77 -11.10 21.48
N LYS B 5 -25.08 -10.85 21.42
CA LYS B 5 -25.89 -11.24 20.27
C LYS B 5 -25.37 -10.72 18.94
N ASN B 6 -25.23 -11.63 17.98
CA ASN B 6 -24.85 -11.26 16.62
C ASN B 6 -23.39 -10.93 16.48
N ILE B 7 -22.68 -10.87 17.61
CA ILE B 7 -21.25 -10.60 17.59
C ILE B 7 -20.41 -11.85 17.30
N SER B 8 -19.32 -11.68 16.56
CA SER B 8 -18.40 -12.77 16.24
C SER B 8 -17.76 -13.38 17.50
N LYS B 9 -17.42 -14.66 17.42
CA LYS B 9 -16.80 -15.37 18.54
C LYS B 9 -15.39 -14.84 18.80
N GLY B 10 -15.08 -14.60 20.06
CA GLY B 10 -13.76 -14.13 20.44
C GLY B 10 -13.53 -12.67 20.09
N ALA B 11 -14.58 -11.88 20.21
CA ALA B 11 -14.44 -10.46 19.99
C ALA B 11 -14.27 -9.81 21.33
N VAL B 12 -13.27 -8.95 21.43
CA VAL B 12 -12.98 -8.26 22.67
C VAL B 12 -13.98 -7.16 22.80
N LEU B 13 -14.70 -7.08 23.89
CA LEU B 13 -15.53 -5.89 24.02
C LEU B 13 -14.73 -4.72 24.58
N HIS B 14 -14.87 -3.56 23.95
CA HIS B 14 -14.17 -2.36 24.38
C HIS B 14 -14.99 -1.47 25.31
N GLU B 15 -14.33 -1.02 26.37
CA GLU B 15 -14.98 -0.40 27.51
C GLU B 15 -15.09 1.11 27.36
N LYS B 16 -13.94 1.78 27.27
CA LYS B 16 -13.87 3.25 27.17
C LYS B 16 -14.50 3.80 25.90
N PRO B 17 -15.26 4.90 26.03
CA PRO B 17 -15.86 5.53 24.85
C PRO B 17 -14.78 6.00 23.87
N MET B 18 -14.96 5.64 22.59
CA MET B 18 -14.12 6.11 21.50
C MET B 18 -14.97 7.00 20.58
N THR B 19 -14.42 8.13 20.15
CA THR B 19 -15.16 9.08 19.32
C THR B 19 -14.68 8.99 17.87
N VAL B 20 -15.63 8.85 16.94
CA VAL B 20 -15.27 8.69 15.54
C VAL B 20 -16.10 9.53 14.60
N MET B 21 -15.62 9.62 13.36
CA MET B 21 -16.31 10.35 12.31
C MET B 21 -16.74 9.37 11.23
N VAL B 22 -18.01 9.42 10.86
CA VAL B 22 -18.50 8.46 9.88
C VAL B 22 -18.15 8.86 8.47
N LEU B 23 -17.39 8.00 7.82
CA LEU B 23 -16.97 8.18 6.44
C LEU B 23 -18.05 7.73 5.48
N THR B 24 -18.65 6.58 5.76
CA THR B 24 -19.60 5.96 4.84
C THR B 24 -20.46 4.99 5.60
N ALA B 25 -21.64 4.68 5.03
CA ALA B 25 -22.43 3.55 5.52
C ALA B 25 -23.32 2.97 4.42
N THR B 26 -23.58 1.67 4.49
CA THR B 26 -24.44 1.02 3.50
C THR B 26 -25.92 1.05 3.91
N GLU B 27 -26.80 0.60 3.03
CA GLU B 27 -28.19 0.35 3.39
C GLU B 27 -28.22 -0.80 4.38
N PRO B 28 -29.32 -0.90 5.16
CA PRO B 28 -29.52 -2.15 5.90
C PRO B 28 -29.82 -3.28 4.95
N PHE B 29 -29.50 -4.50 5.36
CA PHE B 29 -29.90 -5.70 4.63
C PHE B 29 -29.96 -6.85 5.62
N ASN B 30 -30.56 -7.98 5.23
CA ASN B 30 -30.57 -9.15 6.10
C ASN B 30 -29.68 -10.25 5.53
N TYR B 31 -29.22 -11.15 6.39
CA TYR B 31 -28.24 -12.16 5.99
C TYR B 31 -28.63 -13.60 6.37
N LYS B 32 -28.76 -13.85 7.67
CA LYS B 32 -29.31 -15.09 8.18
C LYS B 32 -30.83 -14.95 8.04
N GLU B 33 -31.29 -13.87 7.39
CA GLU B 33 -32.68 -13.73 6.90
C GLU B 33 -33.72 -14.10 7.97
N GLY B 34 -33.87 -13.17 8.91
CA GLY B 34 -34.05 -13.50 10.31
C GLY B 34 -32.68 -13.05 10.79
N LYS B 35 -32.51 -12.87 12.09
CA LYS B 35 -31.36 -12.11 12.59
C LYS B 35 -30.96 -11.11 11.53
N GLU B 36 -31.25 -11.49 10.29
CA GLU B 36 -31.55 -10.57 9.25
C GLU B 36 -30.61 -9.39 9.20
N ASN B 37 -31.01 -8.26 9.77
CA ASN B 37 -30.43 -6.99 9.39
C ASN B 37 -29.18 -6.47 10.06
N MET B 38 -28.50 -5.67 9.28
CA MET B 38 -27.21 -5.07 9.54
C MET B 38 -26.83 -4.14 8.40
N PHE B 39 -25.80 -3.32 8.62
CA PHE B 39 -25.19 -2.55 7.52
C PHE B 39 -23.71 -2.37 7.81
N HIS B 40 -22.93 -2.07 6.77
CA HIS B 40 -21.51 -1.80 6.92
C HIS B 40 -21.24 -0.31 7.03
N ALA B 41 -20.23 0.07 7.82
CA ALA B 41 -19.78 1.46 7.80
C ALA B 41 -18.27 1.54 7.82
N THR B 42 -17.73 2.63 7.30
CA THR B 42 -16.36 2.98 7.63
C THR B 42 -16.38 4.24 8.48
N VAL B 43 -15.66 4.21 9.59
CA VAL B 43 -15.48 5.40 10.40
C VAL B 43 -13.99 5.67 10.59
N ALA B 44 -13.67 6.83 11.19
CA ALA B 44 -12.28 7.25 11.32
C ALA B 44 -12.03 8.04 12.59
N THR B 45 -10.75 8.11 12.94
CA THR B 45 -10.27 8.89 14.06
C THR B 45 -9.21 9.77 13.44
N GLU B 46 -8.45 10.50 14.25
CA GLU B 46 -7.33 11.25 13.69
C GLU B 46 -6.24 10.27 13.18
N SER B 47 -6.06 9.16 13.89
CA SER B 47 -5.04 8.15 13.59
C SER B 47 -5.44 7.16 12.53
N LYS B 48 -6.68 6.72 12.59
CA LYS B 48 -7.03 5.45 12.00
C LYS B 48 -8.47 5.42 11.50
N TYR B 49 -8.69 4.63 10.45
CA TYR B 49 -10.02 4.31 10.01
C TYR B 49 -10.33 2.87 10.37
N TYR B 50 -11.57 2.62 10.75
CA TYR B 50 -12.05 1.27 11.08
C TYR B 50 -13.19 0.91 10.16
N ARG B 51 -13.28 -0.38 9.85
CA ARG B 51 -14.49 -0.86 9.20
C ARG B 51 -15.44 -1.27 10.32
N VAL B 52 -16.72 -0.99 10.12
CA VAL B 52 -17.68 -1.26 11.17
C VAL B 52 -18.80 -2.14 10.65
N LYS B 53 -19.37 -2.93 11.54
CA LYS B 53 -20.50 -3.77 11.22
C LYS B 53 -21.58 -3.53 12.28
N VAL B 54 -22.72 -3.01 11.86
CA VAL B 54 -23.76 -2.62 12.82
C VAL B 54 -24.98 -3.52 12.78
N PHE B 55 -25.29 -4.11 13.92
CA PHE B 55 -26.43 -5.02 14.03
C PHE B 55 -27.67 -4.40 14.66
N ASN B 56 -27.58 -3.13 15.02
CA ASN B 56 -28.71 -2.43 15.60
C ASN B 56 -29.20 -1.24 14.75
N MET B 57 -30.38 -1.40 14.16
CA MET B 57 -30.87 -0.49 13.13
C MET B 57 -31.33 0.87 13.65
N ASP B 58 -31.44 1.01 14.97
CA ASP B 58 -31.77 2.31 15.55
C ASP B 58 -30.59 3.24 15.34
N LEU B 59 -29.41 2.63 15.28
CA LEU B 59 -28.15 3.32 15.04
C LEU B 59 -28.10 3.99 13.66
N LYS B 60 -28.88 3.48 12.73
CA LYS B 60 -28.77 3.90 11.33
C LYS B 60 -28.82 5.42 11.14
N GLU B 61 -29.70 6.11 11.86
CA GLU B 61 -29.74 7.58 11.77
C GLU B 61 -28.41 8.20 12.19
N LYS B 62 -27.72 7.58 13.14
CA LYS B 62 -26.47 8.12 13.66
C LYS B 62 -25.28 7.91 12.73
N PHE B 63 -25.43 7.09 11.70
CA PHE B 63 -24.32 6.90 10.79
C PHE B 63 -24.53 7.63 9.50
N THR B 64 -23.86 8.77 9.40
CA THR B 64 -24.14 9.74 8.38
C THR B 64 -22.81 10.33 7.96
N GLU B 65 -22.65 10.61 6.68
CA GLU B 65 -21.37 11.07 6.17
C GLU B 65 -20.87 12.23 7.03
N ASN B 66 -19.60 12.16 7.41
CA ASN B 66 -18.96 13.25 8.15
C ASN B 66 -19.59 13.57 9.49
N GLN B 67 -20.34 12.64 10.06
CA GLN B 67 -20.97 12.86 11.35
C GLN B 67 -20.12 12.32 12.52
N PHE B 68 -20.00 13.11 13.57
CA PHE B 68 -19.16 12.72 14.70
C PHE B 68 -19.97 12.03 15.78
N ILE B 69 -19.73 10.73 15.95
CA ILE B 69 -20.38 9.96 17.00
C ILE B 69 -19.36 9.46 18.02
N THR B 70 -19.84 9.17 19.24
CA THR B 70 -19.04 8.57 20.30
C THR B 70 -19.62 7.20 20.68
N ILE B 71 -18.83 6.14 20.54
CA ILE B 71 -19.29 4.78 20.78
C ILE B 71 -18.63 4.15 22.00
N SER B 72 -19.41 3.41 22.76
CA SER B 72 -18.93 2.78 24.00
C SER B 72 -19.53 1.40 24.17
N LYS B 73 -18.71 0.45 24.63
CA LYS B 73 -19.19 -0.93 24.73
C LYS B 73 -19.50 -1.48 23.35
N TYR B 74 -18.60 -1.21 22.41
CA TYR B 74 -18.60 -1.88 21.11
C TYR B 74 -17.70 -3.11 21.21
N PHE B 75 -17.49 -3.81 20.09
CA PHE B 75 -16.60 -4.97 20.09
C PHE B 75 -15.60 -4.80 18.98
N ASN B 76 -14.37 -5.23 19.25
CA ASN B 76 -13.39 -5.33 18.18
C ASN B 76 -13.23 -6.81 17.86
N SER B 77 -13.45 -7.18 16.59
CA SER B 77 -13.07 -8.49 16.10
C SER B 77 -11.96 -8.28 15.11
N SER B 78 -10.74 -8.66 15.48
CA SER B 78 -9.61 -8.63 14.56
C SER B 78 -9.52 -7.35 13.75
N GLY B 79 -9.67 -6.20 14.43
CA GLY B 79 -9.47 -4.91 13.80
C GLY B 79 -10.73 -4.33 13.20
N ILE B 80 -11.84 -5.04 13.43
CA ILE B 80 -13.13 -4.65 12.88
C ILE B 80 -14.15 -4.46 13.98
N LEU B 81 -14.67 -3.23 14.07
CA LEU B 81 -15.57 -2.86 15.13
C LEU B 81 -16.97 -3.46 14.90
N GLU B 82 -17.49 -4.16 15.92
CA GLU B 82 -18.85 -4.69 15.85
C GLU B 82 -19.76 -4.00 16.88
N ILE B 83 -20.96 -3.66 16.45
CA ILE B 83 -21.90 -2.94 17.30
C ILE B 83 -23.31 -3.53 17.27
N ASN B 84 -23.79 -3.91 18.45
CA ASN B 84 -25.17 -4.32 18.66
C ASN B 84 -25.79 -3.49 19.77
N GLU B 85 -26.97 -3.89 20.21
CA GLU B 85 -27.75 -3.09 21.14
C GLU B 85 -27.08 -2.89 22.51
N THR B 86 -26.02 -3.66 22.77
CA THR B 86 -25.26 -3.49 23.99
C THR B 86 -24.63 -2.10 24.03
N ALA B 87 -23.99 -1.72 22.92
CA ALA B 87 -23.28 -0.45 22.81
C ALA B 87 -24.21 0.74 22.95
N THR B 88 -23.76 1.76 23.66
CA THR B 88 -24.42 3.05 23.61
C THR B 88 -23.70 3.85 22.53
N VAL B 89 -24.47 4.47 21.63
CA VAL B 89 -23.87 5.34 20.61
C VAL B 89 -24.41 6.76 20.71
N SER B 90 -23.52 7.74 20.81
CA SER B 90 -23.98 9.10 21.04
C SER B 90 -23.51 10.12 20.02
N GLU B 91 -24.40 11.06 19.78
CA GLU B 91 -24.11 12.27 19.06
C GLU B 91 -22.92 12.95 19.78
N ALA B 92 -21.85 13.24 19.05
CA ALA B 92 -20.64 13.71 19.73
C ALA B 92 -20.66 15.19 20.05
N ALA B 93 -20.14 15.54 21.22
CA ALA B 93 -19.97 16.95 21.59
C ALA B 93 -18.91 17.60 20.72
N PRO B 94 -19.13 18.88 20.37
CA PRO B 94 -18.17 19.53 19.46
C PRO B 94 -16.74 19.54 20.01
N ASN B 95 -16.59 19.70 21.33
CA ASN B 95 -15.27 19.67 21.94
C ASN B 95 -14.56 18.33 21.81
N GLN B 96 -15.31 17.31 21.38
CA GLN B 96 -14.72 16.00 21.11
C GLN B 96 -14.39 15.80 19.64
N MET B 97 -14.63 16.82 18.82
CA MET B 97 -14.37 16.71 17.38
C MET B 97 -12.88 16.94 17.08
N PHE B 98 -12.48 16.83 15.81
CA PHE B 98 -11.05 16.85 15.42
C PHE B 98 -10.93 16.78 13.91
N GLU B 99 -9.75 17.08 13.38
CA GLU B 99 -9.54 16.90 11.94
C GLU B 99 -9.24 15.44 11.60
N VAL B 100 -9.52 15.07 10.35
CA VAL B 100 -9.05 13.82 9.79
C VAL B 100 -8.18 14.11 8.56
N PRO B 101 -6.91 13.70 8.61
CA PRO B 101 -5.89 14.02 7.58
C PRO B 101 -6.21 13.43 6.20
N LYS B 102 -5.90 14.17 5.13
CA LYS B 102 -6.33 13.77 3.78
C LYS B 102 -6.03 12.29 3.63
N ASN B 103 -4.76 11.95 3.48
CA ASN B 103 -4.22 10.81 4.18
C ASN B 103 -5.15 9.62 4.34
N ILE B 104 -5.42 9.34 5.61
CA ILE B 104 -6.28 8.25 6.01
C ILE B 104 -7.63 8.20 5.28
N ILE B 105 -8.22 9.35 5.03
CA ILE B 105 -9.45 9.37 4.26
C ILE B 105 -9.18 8.63 2.95
N ARG B 106 -8.21 9.13 2.19
CA ARG B 106 -7.87 8.58 0.88
C ARG B 106 -7.42 7.12 1.05
N SER B 107 -6.74 6.86 2.16
CA SER B 107 -6.38 5.49 2.45
C SER B 107 -7.65 4.64 2.46
N ALA B 108 -8.53 4.92 3.41
CA ALA B 108 -9.75 4.12 3.59
C ALA B 108 -10.62 4.08 2.32
N LYS B 109 -10.31 4.94 1.35
CA LYS B 109 -10.94 4.85 0.04
C LYS B 109 -10.23 3.81 -0.82
N GLU B 110 -8.94 3.65 -0.56
CA GLU B 110 -8.08 2.79 -1.38
C GLU B 110 -8.49 1.34 -1.33
N THR B 111 -8.51 0.73 -2.51
CA THR B 111 -8.73 -0.71 -2.67
C THR B 111 -7.39 -1.36 -2.90
N LEU B 112 -7.12 -2.44 -2.18
CA LEU B 112 -5.87 -3.19 -2.33
C LEU B 112 -5.76 -3.91 -3.67
N LYS B 113 -4.52 -4.15 -4.08
CA LYS B 113 -4.24 -4.72 -5.37
C LYS B 113 -4.23 -6.26 -5.25
N ILE B 114 -4.90 -6.93 -6.18
CA ILE B 114 -5.11 -8.37 -6.11
C ILE B 114 -3.80 -9.11 -5.91
N SER B 115 -2.77 -8.65 -6.60
CA SER B 115 -1.43 -9.20 -6.42
C SER B 115 -1.07 -9.18 -4.95
N LYS B 116 -1.34 -8.04 -4.30
CA LYS B 116 -0.97 -7.86 -2.90
C LYS B 116 -1.98 -8.58 -2.00
N ILE B 117 -3.18 -8.82 -2.53
CA ILE B 117 -4.23 -9.52 -1.79
C ILE B 117 -3.92 -10.99 -1.62
N LYS B 118 -3.53 -11.65 -2.73
CA LYS B 118 -3.34 -13.09 -2.76
C LYS B 118 -2.29 -13.56 -1.77
N GLU B 119 -1.45 -12.62 -1.33
CA GLU B 119 -0.43 -12.94 -0.36
C GLU B 119 -0.99 -12.92 1.06
N LEU B 120 -2.23 -12.48 1.20
CA LEU B 120 -2.87 -12.48 2.52
C LEU B 120 -3.13 -13.89 3.04
N ASP B 121 -3.34 -13.99 4.35
CA ASP B 121 -3.66 -15.26 4.98
C ASP B 121 -5.08 -15.68 4.61
N SER B 122 -5.53 -16.80 5.14
CA SER B 122 -6.87 -17.31 4.84
C SER B 122 -7.87 -16.92 5.91
N GLY B 123 -9.09 -16.66 5.47
CA GLY B 123 -10.14 -16.23 6.37
C GLY B 123 -10.03 -14.73 6.54
N THR B 124 -9.03 -14.14 5.90
CA THR B 124 -8.85 -12.69 5.88
C THR B 124 -10.06 -12.03 5.24
N LEU B 125 -10.42 -10.85 5.72
CA LEU B 125 -11.62 -10.17 5.26
C LEU B 125 -11.30 -9.03 4.30
N ILE B 126 -11.87 -9.10 3.12
CA ILE B 126 -11.49 -8.20 2.04
C ILE B 126 -12.60 -7.23 1.68
N TYR B 127 -12.25 -5.95 1.63
CA TYR B 127 -13.11 -4.92 1.06
C TYR B 127 -12.43 -4.34 -0.16
N GLY B 128 -13.20 -4.03 -1.18
CA GLY B 128 -12.63 -3.27 -2.28
C GLY B 128 -13.59 -2.92 -3.42
N VAL B 129 -13.09 -2.09 -4.32
CA VAL B 129 -13.78 -1.79 -5.56
C VAL B 129 -12.94 -2.36 -6.70
N PHE B 130 -13.53 -3.25 -7.49
CA PHE B 130 -12.78 -3.87 -8.58
C PHE B 130 -13.52 -3.75 -9.90
N ALA B 131 -12.74 -3.65 -10.97
CA ALA B 131 -13.32 -3.73 -12.30
C ALA B 131 -13.77 -5.17 -12.53
N VAL B 132 -14.81 -5.34 -13.35
CA VAL B 132 -15.48 -6.63 -13.46
C VAL B 132 -15.37 -7.27 -14.82
N GLU B 133 -14.65 -8.38 -14.89
CA GLU B 133 -14.70 -9.24 -16.08
C GLU B 133 -16.07 -9.92 -16.08
N LYS B 134 -16.26 -10.86 -17.00
CA LYS B 134 -17.57 -11.50 -17.15
C LYS B 134 -18.06 -12.16 -15.86
N LYS B 135 -19.38 -12.24 -15.71
CA LYS B 135 -20.01 -12.98 -14.63
C LYS B 135 -20.43 -14.36 -15.13
N LYS B 136 -21.00 -15.16 -14.25
CA LYS B 136 -21.81 -16.30 -14.64
C LYS B 136 -22.82 -16.56 -13.55
N VAL B 137 -24.03 -16.92 -13.95
CA VAL B 137 -25.02 -17.34 -12.97
C VAL B 137 -25.21 -18.85 -13.05
N ASN B 138 -24.80 -19.57 -12.00
CA ASN B 138 -25.24 -20.95 -11.84
C ASN B 138 -26.49 -20.95 -10.98
N ASP B 139 -27.08 -22.12 -10.78
CA ASP B 139 -28.33 -22.20 -10.02
C ASP B 139 -28.14 -21.80 -8.55
N LYS B 140 -27.17 -22.41 -7.89
CA LYS B 140 -26.98 -22.22 -6.45
C LYS B 140 -25.96 -21.15 -6.09
N SER B 141 -25.32 -20.54 -7.09
CA SER B 141 -24.30 -19.56 -6.80
C SER B 141 -24.08 -18.58 -7.94
N ILE B 142 -23.16 -17.64 -7.73
CA ILE B 142 -22.77 -16.65 -8.72
C ILE B 142 -21.27 -16.38 -8.67
N THR B 143 -20.63 -16.34 -9.83
CA THR B 143 -19.19 -16.14 -9.88
C THR B 143 -18.83 -14.88 -10.65
N PHE B 144 -17.65 -14.33 -10.38
CA PHE B 144 -17.15 -13.16 -11.09
C PHE B 144 -15.68 -13.32 -11.34
N LYS B 145 -15.24 -12.86 -12.50
CA LYS B 145 -13.81 -12.66 -12.65
C LYS B 145 -13.55 -11.16 -12.44
N ILE B 146 -12.74 -10.83 -11.45
CA ILE B 146 -12.44 -9.42 -11.17
C ILE B 146 -10.96 -9.15 -11.38
N LYS B 147 -10.65 -7.91 -11.70
CA LYS B 147 -9.29 -7.58 -12.03
C LYS B 147 -8.96 -6.15 -11.70
N ASP B 148 -7.74 -5.94 -11.24
CA ASP B 148 -7.08 -4.75 -11.68
C ASP B 148 -5.73 -5.17 -12.22
N ASN B 149 -5.72 -5.30 -13.54
CA ASN B 149 -4.71 -4.79 -14.46
C ASN B 149 -3.22 -5.09 -14.30
N GLU B 150 -2.80 -5.48 -13.10
CA GLU B 150 -1.59 -6.29 -12.93
C GLU B 150 -1.97 -7.72 -12.54
N ASP B 151 -3.28 -8.01 -12.47
CA ASP B 151 -3.80 -9.23 -11.82
C ASP B 151 -5.32 -9.41 -11.99
N ASN B 152 -5.79 -10.59 -11.59
CA ASN B 152 -7.21 -10.92 -11.54
C ASN B 152 -7.49 -12.03 -10.53
N ILE B 153 -8.74 -12.16 -10.12
CA ILE B 153 -9.13 -13.18 -9.15
C ILE B 153 -10.61 -13.57 -9.32
N LYS B 154 -10.99 -14.71 -8.76
CA LYS B 154 -12.37 -15.20 -8.87
C LYS B 154 -13.15 -14.96 -7.59
N VAL B 155 -14.43 -14.66 -7.76
CA VAL B 155 -15.27 -14.26 -6.66
C VAL B 155 -16.54 -15.08 -6.66
N VAL B 156 -16.84 -15.69 -5.52
CA VAL B 156 -17.99 -16.58 -5.43
C VAL B 156 -19.02 -16.09 -4.42
N TRP B 157 -20.21 -15.78 -4.92
CA TRP B 157 -21.32 -15.39 -4.07
C TRP B 157 -22.25 -16.58 -3.95
N ASP B 158 -22.26 -17.18 -2.75
CA ASP B 158 -23.00 -18.40 -2.48
C ASP B 158 -24.40 -18.07 -1.94
N LYS B 159 -24.74 -16.80 -1.82
CA LYS B 159 -25.71 -16.42 -0.81
C LYS B 159 -27.18 -16.31 -1.18
N GLU B 160 -27.51 -15.22 -1.86
CA GLU B 160 -28.91 -14.86 -2.05
C GLU B 160 -29.06 -13.98 -3.28
N GLN B 161 -30.25 -13.97 -3.85
CA GLN B 161 -30.46 -13.45 -5.18
C GLN B 161 -30.44 -11.93 -5.23
N HIS B 162 -30.89 -11.41 -6.36
CA HIS B 162 -31.23 -9.99 -6.51
C HIS B 162 -30.13 -8.95 -6.39
N ASN B 163 -29.45 -8.75 -7.50
CA ASN B 163 -28.92 -7.45 -7.81
C ASN B 163 -27.92 -7.05 -6.72
N ILE B 164 -27.48 -5.80 -6.65
CA ILE B 164 -27.96 -4.70 -7.49
C ILE B 164 -27.83 -5.00 -8.97
N ASN B 165 -26.60 -5.33 -9.38
CA ASN B 165 -26.20 -5.64 -10.77
C ASN B 165 -25.47 -4.49 -11.44
N TYR B 166 -25.34 -4.55 -12.76
CA TYR B 166 -24.61 -3.50 -13.48
C TYR B 166 -25.32 -2.87 -14.70
N GLU B 167 -25.92 -3.66 -15.58
CA GLU B 167 -26.12 -5.09 -15.41
C GLU B 167 -24.87 -5.89 -15.09
N LYS B 168 -23.78 -5.69 -15.81
CA LYS B 168 -23.68 -4.73 -16.93
C LYS B 168 -22.45 -3.84 -16.77
N GLY B 169 -22.51 -2.57 -17.13
CA GLY B 169 -21.29 -1.76 -17.02
C GLY B 169 -20.49 -1.57 -15.72
N ASP B 170 -21.13 -1.74 -14.58
CA ASP B 170 -20.54 -1.28 -13.33
C ASP B 170 -19.20 -1.92 -12.95
N LYS B 171 -18.44 -1.19 -12.13
CA LYS B 171 -17.39 -1.77 -11.28
C LYS B 171 -18.11 -2.52 -10.15
N LEU B 172 -17.35 -3.14 -9.25
CA LEU B 172 -17.96 -3.97 -8.21
C LEU B 172 -17.38 -3.69 -6.83
N GLN B 173 -18.23 -3.76 -5.81
CA GLN B 173 -17.83 -3.37 -4.46
C GLN B 173 -17.99 -4.51 -3.48
N LEU B 174 -16.90 -4.84 -2.80
CA LEU B 174 -16.89 -5.94 -1.86
C LEU B 174 -16.90 -5.45 -0.41
N PHE B 175 -17.71 -6.13 0.41
CA PHE B 175 -17.74 -5.90 1.83
C PHE B 175 -17.62 -7.22 2.57
N SER B 176 -16.63 -7.31 3.45
CA SER B 176 -16.41 -8.49 4.26
C SER B 176 -16.51 -9.78 3.42
N PHE B 177 -15.58 -9.92 2.47
CA PHE B 177 -15.40 -11.16 1.74
C PHE B 177 -14.22 -11.98 2.26
N HIS B 178 -14.40 -13.31 2.31
CA HIS B 178 -13.37 -14.18 2.87
C HIS B 178 -12.39 -14.59 1.80
N LEU B 179 -11.10 -14.47 2.12
CA LEU B 179 -10.03 -14.96 1.26
C LEU B 179 -9.71 -16.40 1.63
N ARG B 180 -9.73 -17.27 0.62
CA ARG B 180 -9.33 -18.65 0.76
C ARG B 180 -8.37 -18.99 -0.38
N LYS B 181 -7.32 -19.74 -0.07
CA LYS B 181 -6.32 -20.11 -1.06
C LYS B 181 -6.23 -21.62 -1.11
N GLY B 182 -5.58 -22.19 -0.09
CA GLY B 182 -5.33 -23.61 -0.05
C GLY B 182 -4.55 -24.07 -1.27
N ASN B 183 -4.61 -25.36 -1.56
CA ASN B 183 -3.91 -25.92 -2.70
C ASN B 183 -4.54 -25.53 -4.03
N GLY B 184 -5.71 -24.93 -3.95
CA GLY B 184 -6.44 -24.52 -5.15
C GLY B 184 -5.90 -23.22 -5.69
N LYS B 185 -6.57 -22.69 -6.71
CA LYS B 185 -6.40 -21.29 -7.09
C LYS B 185 -7.04 -20.47 -5.97
N PRO B 186 -6.41 -19.34 -5.61
CA PRO B 186 -7.02 -18.56 -4.51
C PRO B 186 -8.24 -17.76 -4.96
N ILE B 187 -9.23 -17.60 -4.08
CA ILE B 187 -10.48 -16.94 -4.43
C ILE B 187 -11.12 -16.14 -3.30
N LEU B 188 -12.02 -15.23 -3.67
CA LEU B 188 -12.81 -14.49 -2.68
C LEU B 188 -14.20 -15.10 -2.56
N HIS B 189 -14.53 -15.55 -1.35
CA HIS B 189 -15.79 -16.24 -1.15
C HIS B 189 -16.70 -15.47 -0.18
N SER B 190 -18.00 -15.63 -0.38
CA SER B 190 -18.99 -14.98 0.47
C SER B 190 -18.90 -15.53 1.90
N GLY B 191 -19.48 -14.80 2.84
CA GLY B 191 -19.50 -15.18 4.24
C GLY B 191 -20.77 -14.60 4.86
N ASN B 192 -20.93 -14.79 6.15
CA ASN B 192 -22.14 -14.36 6.86
C ASN B 192 -22.53 -12.91 6.57
N HIS B 193 -21.55 -12.03 6.69
CA HIS B 193 -21.77 -10.60 6.62
C HIS B 193 -21.46 -9.97 5.26
N SER B 194 -21.09 -10.79 4.27
CA SER B 194 -20.61 -10.23 3.00
C SER B 194 -21.70 -9.50 2.23
N PHE B 195 -21.30 -8.51 1.45
CA PHE B 195 -22.24 -7.65 0.72
C PHE B 195 -21.61 -7.09 -0.56
N ILE B 196 -22.38 -7.00 -1.63
CA ILE B 196 -21.88 -6.46 -2.89
C ILE B 196 -22.85 -5.53 -3.61
N LYS B 197 -22.30 -4.45 -4.14
CA LYS B 197 -23.07 -3.51 -4.94
C LYS B 197 -22.19 -2.99 -6.09
N GLY B 198 -22.82 -2.59 -7.19
CA GLY B 198 -22.10 -1.98 -8.29
C GLY B 198 -21.50 -0.64 -7.94
N GLU B 199 -20.40 -0.28 -8.60
CA GLU B 199 -19.76 1.03 -8.42
C GLU B 199 -19.42 1.35 -6.96
S SO4 J . 29.75 -16.41 -9.12
O1 SO4 J . 29.81 -16.19 -7.68
O2 SO4 J . 29.34 -17.79 -9.38
O3 SO4 J . 28.78 -15.51 -9.72
O4 SO4 J . 31.07 -16.16 -9.71
S SO4 K . 31.22 2.96 -7.99
O1 SO4 K . 30.68 3.50 -6.68
O2 SO4 K . 31.81 1.59 -7.71
O3 SO4 K . 30.09 2.73 -8.81
O4 SO4 K . 32.32 3.79 -8.32
S SO4 L . -14.23 0.15 -0.08
O1 SO4 L . -14.61 0.79 1.18
O2 SO4 L . -12.83 -0.27 -0.01
O3 SO4 L . -15.10 -1.01 -0.29
O4 SO4 L . -14.39 1.09 -1.17
S SO4 M . 10.11 15.97 10.52
O1 SO4 M . 10.41 16.32 11.91
O2 SO4 M . 10.04 14.51 10.40
O3 SO4 M . 8.82 16.55 10.13
O4 SO4 M . 11.14 16.52 9.65
S SO4 N . 10.33 -26.22 26.17
O1 SO4 N . 9.78 -25.69 27.48
O2 SO4 N . 10.92 -27.60 26.45
O3 SO4 N . 9.19 -26.46 25.35
O4 SO4 N . 11.43 -25.39 25.84
#